data_6BS7
#
_entry.id   6BS7
#
_cell.length_a   68.890
_cell.length_b   90.370
_cell.length_c   59.910
_cell.angle_alpha   90.000
_cell.angle_beta   90.000
_cell.angle_gamma   90.000
#
_symmetry.space_group_name_H-M   'P 21 21 2'
#
loop_
_entity.id
_entity.type
_entity.pdbx_description
1 polymer 'Adenylosuccinate synthetase'
2 water water
#
_entity_poly.entity_id   1
_entity_poly.type   'polypeptide(L)'
_entity_poly.pdbx_seq_one_letter_code
;MAHHHHHHMGKNVVVLGTQWGDEGKGKIVDLLTQDAQVVVRYQGGHNAGHTLKINGVKTVLRLIPSGMLRPNVTCYIANG
VVLSPQALLSEIKELEGNGINVRERLRISLACPLILPYHIALDKARETHMGKSAIGTTGRGIGPAYEDKVARRALRVGDL
FHRDRFANKLTELLDYHNFVLTQYFKQPAVDLESLLGESLQWAEELRPMVCDVSACLHEHRKQGENILFEGAQGVYLDID
HGTYPYVTSSNTCVGSVINGAGFGPRYIDYVLGITKAYTTRVGGGPFPTELLDDVGKRIAERGQEFGAVTGRPRRCGWFD
AVLLKRSIELNSISGLCVTKLDVLDGLEVLRIAVAYKDRDGNILSRPPLAADDFNDLLPVYEELPGWQESTADVTVMSDL
PANARAYLKRIEEILGIPIDMLSTGPERDSTITLRGPFL
;
_entity_poly.pdbx_strand_id   A
#
# COMPACT_ATOMS: atom_id res chain seq x y z
N MET A 9 5.56 -5.83 -25.60
CA MET A 9 4.47 -6.78 -25.77
C MET A 9 3.66 -6.93 -24.47
N GLY A 10 4.37 -6.94 -23.33
CA GLY A 10 3.72 -7.00 -22.05
C GLY A 10 3.25 -5.62 -21.57
N LYS A 11 2.52 -5.60 -20.47
CA LYS A 11 2.04 -4.36 -19.86
C LYS A 11 2.49 -4.31 -18.43
N ASN A 12 2.86 -3.10 -17.97
CA ASN A 12 3.41 -2.88 -16.64
C ASN A 12 2.48 -1.97 -15.89
N VAL A 13 1.89 -2.48 -14.81
CA VAL A 13 0.75 -1.84 -14.13
C VAL A 13 1.14 -1.59 -12.68
N VAL A 14 0.87 -0.37 -12.19
CA VAL A 14 1.01 -0.03 -10.77
C VAL A 14 -0.38 0.01 -10.13
N VAL A 15 -0.53 -0.63 -8.98
CA VAL A 15 -1.79 -0.59 -8.24
CA VAL A 15 -1.79 -0.60 -8.23
C VAL A 15 -1.53 0.03 -6.87
N LEU A 16 -2.31 1.07 -6.54
CA LEU A 16 -2.12 1.76 -5.26
C LEU A 16 -3.46 2.28 -4.73
N GLY A 17 -3.51 2.56 -3.43
CA GLY A 17 -4.67 3.21 -2.84
C GLY A 17 -4.57 4.72 -2.94
N THR A 18 -5.72 5.39 -3.06
CA THR A 18 -5.76 6.82 -3.38
C THR A 18 -6.13 7.70 -2.20
N GLN A 19 -6.43 7.11 -1.05
CA GLN A 19 -6.99 7.92 0.05
C GLN A 19 -6.06 7.78 1.24
N TRP A 20 -6.54 7.34 2.39
CA TRP A 20 -5.74 7.25 3.61
C TRP A 20 -5.55 5.80 4.06
N GLY A 21 -5.58 4.86 3.12
CA GLY A 21 -5.53 3.45 3.44
C GLY A 21 -6.92 2.84 3.58
N ASP A 22 -6.94 1.50 3.69
CA ASP A 22 -8.18 0.75 3.87
C ASP A 22 -9.14 0.95 2.69
N GLU A 23 -8.59 1.18 1.50
CA GLU A 23 -9.42 1.32 0.31
C GLU A 23 -9.93 -0.02 -0.21
N GLY A 24 -9.53 -1.13 0.41
CA GLY A 24 -9.97 -2.45 -0.03
C GLY A 24 -9.17 -2.99 -1.20
N LYS A 25 -7.85 -2.75 -1.23
CA LYS A 25 -7.01 -3.15 -2.35
C LYS A 25 -6.73 -4.65 -2.42
N GLY A 26 -6.92 -5.39 -1.33
CA GLY A 26 -6.46 -6.78 -1.31
C GLY A 26 -7.15 -7.67 -2.35
N LYS A 27 -8.48 -7.66 -2.36
CA LYS A 27 -9.23 -8.44 -3.33
C LYS A 27 -8.88 -8.03 -4.76
N ILE A 28 -8.62 -6.74 -4.98
CA ILE A 28 -8.37 -6.26 -6.34
C ILE A 28 -6.98 -6.69 -6.81
N VAL A 29 -5.98 -6.61 -5.93
CA VAL A 29 -4.66 -7.07 -6.33
C VAL A 29 -4.70 -8.56 -6.65
N ASP A 30 -5.42 -9.33 -5.84
CA ASP A 30 -5.57 -10.77 -6.09
C ASP A 30 -6.22 -11.03 -7.44
N LEU A 31 -7.25 -10.25 -7.78
CA LEU A 31 -7.90 -10.40 -9.08
C LEU A 31 -6.93 -10.09 -10.22
N LEU A 32 -6.12 -9.04 -10.07
CA LEU A 32 -5.21 -8.64 -11.13
C LEU A 32 -4.10 -9.67 -11.34
N THR A 33 -3.73 -10.41 -10.29
CA THR A 33 -2.70 -11.42 -10.44
C THR A 33 -3.13 -12.51 -11.41
N GLN A 34 -4.43 -12.63 -11.69
CA GLN A 34 -4.87 -13.57 -12.73
C GLN A 34 -4.22 -13.25 -14.08
N ASP A 35 -3.91 -11.98 -14.31
CA ASP A 35 -3.39 -11.52 -15.60
C ASP A 35 -1.91 -11.19 -15.57
N ALA A 36 -1.25 -11.29 -14.42
CA ALA A 36 0.16 -10.95 -14.30
C ALA A 36 0.99 -12.21 -14.16
N GLN A 37 2.17 -12.21 -14.78
CA GLN A 37 3.12 -13.26 -14.51
C GLN A 37 4.06 -12.90 -13.37
N VAL A 38 4.11 -11.62 -12.99
CA VAL A 38 5.13 -11.08 -12.11
C VAL A 38 4.47 -10.05 -11.19
N VAL A 39 4.75 -10.14 -9.89
CA VAL A 39 4.22 -9.20 -8.91
C VAL A 39 5.38 -8.68 -8.08
N VAL A 40 5.45 -7.36 -7.91
CA VAL A 40 6.61 -6.70 -7.31
C VAL A 40 6.14 -5.84 -6.16
N ARG A 41 6.74 -6.03 -4.98
N ARG A 41 6.74 -6.04 -4.98
CA ARG A 41 6.68 -5.04 -3.91
CA ARG A 41 6.69 -5.05 -3.92
C ARG A 41 7.93 -4.18 -3.99
C ARG A 41 7.94 -4.17 -4.03
N TYR A 42 7.75 -2.86 -3.96
CA TYR A 42 8.85 -1.94 -4.18
C TYR A 42 9.03 -0.89 -3.08
N GLN A 43 8.18 -0.86 -2.07
CA GLN A 43 8.27 0.17 -1.05
C GLN A 43 7.79 -0.39 0.27
N GLY A 44 7.97 0.41 1.33
CA GLY A 44 7.39 0.11 2.61
C GLY A 44 8.04 -1.10 3.26
N GLY A 45 7.46 -1.49 4.38
CA GLY A 45 7.96 -2.65 5.09
C GLY A 45 6.87 -3.67 5.31
N HIS A 46 6.64 -4.04 6.57
CA HIS A 46 5.56 -4.93 6.98
C HIS A 46 4.54 -4.10 7.78
N ASN A 47 3.60 -3.49 7.05
CA ASN A 47 2.62 -2.57 7.62
C ASN A 47 1.17 -3.07 7.52
N ALA A 48 0.76 -3.55 6.36
CA ALA A 48 -0.60 -4.06 6.18
C ALA A 48 -0.59 -5.07 5.04
N GLY A 49 -1.49 -6.05 5.12
CA GLY A 49 -1.46 -7.13 4.15
C GLY A 49 -2.78 -7.88 4.03
N HIS A 50 -2.89 -8.63 2.94
CA HIS A 50 -4.11 -9.35 2.62
C HIS A 50 -4.27 -10.58 3.52
N THR A 51 -5.51 -11.05 3.62
CA THR A 51 -5.81 -12.23 4.41
C THR A 51 -5.72 -13.51 3.56
N THR A 59 -3.77 -16.46 6.62
CA THR A 59 -2.51 -15.87 7.03
C THR A 59 -2.46 -14.38 6.69
N VAL A 60 -1.79 -13.60 7.55
CA VAL A 60 -1.61 -12.18 7.36
C VAL A 60 -0.22 -11.99 6.76
N LEU A 61 -0.16 -11.74 5.45
CA LEU A 61 1.10 -11.55 4.74
C LEU A 61 1.42 -10.06 4.66
N ARG A 62 2.51 -9.66 5.30
CA ARG A 62 2.89 -8.26 5.34
C ARG A 62 4.04 -7.92 4.40
N LEU A 63 4.91 -8.88 4.10
CA LEU A 63 6.07 -8.66 3.25
C LEU A 63 6.01 -9.41 1.93
N ILE A 64 5.47 -10.62 1.92
CA ILE A 64 5.49 -11.42 0.69
C ILE A 64 4.43 -10.87 -0.26
N PRO A 65 4.78 -10.61 -1.53
CA PRO A 65 3.81 -10.05 -2.48
C PRO A 65 2.61 -10.95 -2.66
N SER A 66 1.58 -10.40 -3.31
CA SER A 66 0.25 -10.99 -3.21
C SER A 66 0.05 -12.25 -4.06
N GLY A 67 0.75 -12.38 -5.17
CA GLY A 67 0.46 -13.48 -6.09
C GLY A 67 1.07 -14.82 -5.76
N MET A 68 1.46 -15.03 -4.51
CA MET A 68 2.15 -16.25 -4.14
C MET A 68 1.25 -17.49 -4.25
N LEU A 69 -0.07 -17.31 -4.27
CA LEU A 69 -0.94 -18.46 -4.41
C LEU A 69 -1.00 -18.97 -5.85
N ARG A 70 -0.89 -18.08 -6.84
CA ARG A 70 -0.99 -18.53 -8.22
C ARG A 70 0.31 -19.20 -8.64
N PRO A 71 0.25 -20.42 -9.19
CA PRO A 71 1.49 -21.15 -9.46
C PRO A 71 2.34 -20.54 -10.56
N ASN A 72 1.76 -19.80 -11.49
CA ASN A 72 2.53 -19.21 -12.59
C ASN A 72 3.23 -17.91 -12.21
N VAL A 73 3.02 -17.37 -11.01
CA VAL A 73 3.48 -16.02 -10.67
C VAL A 73 4.82 -16.06 -9.96
N THR A 74 5.75 -15.21 -10.40
CA THR A 74 6.99 -14.95 -9.67
C THR A 74 6.81 -13.66 -8.86
N CYS A 75 7.19 -13.70 -7.59
CA CYS A 75 7.03 -12.57 -6.68
C CYS A 75 8.39 -11.98 -6.34
N TYR A 76 8.52 -10.66 -6.47
CA TYR A 76 9.77 -9.94 -6.23
C TYR A 76 9.60 -8.97 -5.09
N ILE A 77 10.55 -9.00 -4.14
CA ILE A 77 10.74 -7.95 -3.15
C ILE A 77 11.94 -7.15 -3.62
N ALA A 78 11.68 -5.97 -4.19
CA ALA A 78 12.69 -5.15 -4.85
C ALA A 78 13.43 -4.31 -3.81
N ASN A 79 14.50 -3.62 -4.26
CA ASN A 79 15.43 -2.98 -3.34
C ASN A 79 14.78 -1.90 -2.48
N GLY A 80 13.67 -1.31 -2.91
CA GLY A 80 13.06 -0.25 -2.11
C GLY A 80 12.35 -0.75 -0.86
N VAL A 81 12.16 -2.05 -0.72
CA VAL A 81 11.55 -2.62 0.48
C VAL A 81 12.62 -2.74 1.55
N VAL A 82 12.33 -2.26 2.77
CA VAL A 82 13.15 -2.58 3.94
C VAL A 82 12.49 -3.76 4.63
N LEU A 83 13.28 -4.76 5.03
CA LEU A 83 12.64 -5.95 5.58
C LEU A 83 13.38 -6.47 6.81
N SER A 84 12.60 -6.87 7.80
CA SER A 84 13.10 -7.70 8.88
C SER A 84 13.27 -9.13 8.37
N PRO A 85 14.48 -9.68 8.39
CA PRO A 85 14.64 -11.07 7.90
C PRO A 85 13.87 -12.09 8.72
N GLN A 86 13.87 -11.97 10.05
CA GLN A 86 13.11 -12.95 10.82
C GLN A 86 11.62 -12.81 10.54
N ALA A 87 11.12 -11.59 10.34
CA ALA A 87 9.74 -11.43 9.89
C ALA A 87 9.50 -12.14 8.55
N LEU A 88 10.46 -12.03 7.63
CA LEU A 88 10.27 -12.66 6.32
C LEU A 88 10.30 -14.18 6.42
N LEU A 89 11.33 -14.71 7.07
CA LEU A 89 11.43 -16.17 7.22
C LEU A 89 10.21 -16.73 7.93
N SER A 90 9.64 -15.98 8.88
CA SER A 90 8.44 -16.44 9.57
C SER A 90 7.25 -16.52 8.62
N GLU A 91 7.12 -15.54 7.73
CA GLU A 91 6.08 -15.61 6.71
C GLU A 91 6.35 -16.75 5.74
N ILE A 92 7.60 -16.94 5.33
CA ILE A 92 7.95 -18.03 4.42
C ILE A 92 7.62 -19.37 5.05
N LYS A 93 8.03 -19.57 6.31
CA LYS A 93 7.75 -20.83 6.98
C LYS A 93 6.25 -21.03 7.17
N GLU A 94 5.52 -19.97 7.53
CA GLU A 94 4.08 -20.09 7.69
C GLU A 94 3.41 -20.50 6.38
N LEU A 95 3.81 -19.87 5.27
CA LEU A 95 3.31 -20.30 3.97
C LEU A 95 3.75 -21.73 3.66
N GLU A 96 5.03 -22.03 3.91
CA GLU A 96 5.56 -23.37 3.62
C GLU A 96 4.79 -24.44 4.38
N GLY A 97 4.44 -24.17 5.65
CA GLY A 97 3.65 -25.12 6.40
C GLY A 97 2.33 -25.44 5.74
N ASN A 98 1.69 -24.41 5.15
CA ASN A 98 0.51 -24.63 4.32
C ASN A 98 0.85 -25.20 2.93
N GLY A 99 2.09 -25.67 2.73
CA GLY A 99 2.44 -26.41 1.55
C GLY A 99 3.02 -25.60 0.39
N ILE A 100 2.96 -24.27 0.45
CA ILE A 100 3.35 -23.45 -0.69
C ILE A 100 4.85 -23.62 -0.96
N ASN A 101 5.19 -23.85 -2.22
CA ASN A 101 6.59 -23.87 -2.67
C ASN A 101 7.07 -22.42 -2.82
N VAL A 102 7.33 -21.80 -1.66
CA VAL A 102 7.64 -20.36 -1.67
C VAL A 102 9.02 -20.10 -2.25
N ARG A 103 10.01 -20.93 -1.91
CA ARG A 103 11.39 -20.64 -2.29
C ARG A 103 11.63 -20.71 -3.78
N GLU A 104 10.79 -21.42 -4.53
CA GLU A 104 10.98 -21.45 -5.98
C GLU A 104 10.48 -20.18 -6.66
N ARG A 105 9.55 -19.45 -6.05
CA ARG A 105 8.87 -18.36 -6.73
C ARG A 105 9.03 -17.01 -6.05
N LEU A 106 9.80 -16.91 -4.97
CA LEU A 106 10.04 -15.66 -4.27
C LEU A 106 11.46 -15.22 -4.53
N ARG A 107 11.63 -13.94 -4.90
CA ARG A 107 12.95 -13.41 -5.17
C ARG A 107 13.11 -12.09 -4.42
N ILE A 108 14.31 -11.87 -3.87
CA ILE A 108 14.58 -10.78 -2.92
C ILE A 108 15.82 -10.04 -3.39
N SER A 109 15.76 -8.71 -3.43
CA SER A 109 16.90 -7.93 -3.84
C SER A 109 18.04 -8.01 -2.81
N LEU A 110 19.26 -8.19 -3.31
CA LEU A 110 20.45 -8.09 -2.47
C LEU A 110 20.58 -6.72 -1.85
N ALA A 111 19.95 -5.72 -2.43
CA ALA A 111 20.07 -4.35 -1.97
C ALA A 111 19.02 -3.94 -0.94
N CYS A 112 18.07 -4.81 -0.56
CA CYS A 112 17.10 -4.42 0.46
C CYS A 112 17.81 -4.14 1.79
N PRO A 113 17.64 -2.94 2.37
CA PRO A 113 18.14 -2.72 3.74
C PRO A 113 17.40 -3.58 4.76
N LEU A 114 18.14 -4.04 5.78
CA LEU A 114 17.56 -4.87 6.83
C LEU A 114 16.95 -4.02 7.93
N ILE A 115 15.84 -4.50 8.49
CA ILE A 115 15.27 -3.96 9.72
C ILE A 115 15.72 -4.87 10.83
N LEU A 116 16.43 -4.32 11.80
CA LEU A 116 17.02 -5.12 12.87
C LEU A 116 16.55 -4.58 14.21
N PRO A 117 16.78 -5.30 15.32
CA PRO A 117 16.27 -4.84 16.62
C PRO A 117 16.65 -3.42 17.01
N TYR A 118 17.81 -2.91 16.61
CA TYR A 118 18.16 -1.55 17.03
C TYR A 118 17.26 -0.52 16.35
N HIS A 119 16.79 -0.81 15.13
CA HIS A 119 15.83 0.07 14.45
C HIS A 119 14.52 0.14 15.22
N ILE A 120 14.02 -1.02 15.66
CA ILE A 120 12.79 -1.05 16.45
C ILE A 120 12.97 -0.31 17.77
N ALA A 121 14.13 -0.49 18.40
CA ALA A 121 14.41 0.20 19.67
C ALA A 121 14.40 1.71 19.47
N LEU A 122 15.06 2.20 18.42
CA LEU A 122 15.06 3.64 18.15
C LEU A 122 13.64 4.17 17.99
N ASP A 123 12.80 3.44 17.27
CA ASP A 123 11.39 3.84 17.14
C ASP A 123 10.74 3.98 18.51
N LYS A 124 10.97 3.00 19.38
CA LYS A 124 10.35 3.01 20.71
C LYS A 124 10.81 4.23 21.52
N ALA A 125 12.13 4.39 21.66
CA ALA A 125 12.66 5.51 22.43
C ALA A 125 12.15 6.86 21.94
N ARG A 126 11.84 6.96 20.65
CA ARG A 126 11.28 8.21 20.13
C ARG A 126 9.82 8.37 20.52
N GLU A 127 9.07 7.27 20.54
CA GLU A 127 7.65 7.32 20.90
C GLU A 127 7.47 7.60 22.39
N ARG A 140 7.30 0.63 12.38
CA ARG A 140 7.86 -0.20 13.44
C ARG A 140 9.28 -0.61 13.09
N GLY A 141 10.22 0.34 13.18
CA GLY A 141 11.58 0.14 12.71
C GLY A 141 11.81 0.52 11.27
N ILE A 142 10.74 0.77 10.50
CA ILE A 142 10.88 1.05 9.08
C ILE A 142 11.62 2.37 8.86
N GLY A 143 11.25 3.40 9.61
CA GLY A 143 11.87 4.70 9.50
C GLY A 143 13.37 4.68 9.75
N PRO A 144 13.79 4.20 10.93
CA PRO A 144 15.23 4.14 11.22
C PRO A 144 16.01 3.30 10.23
N ALA A 145 15.41 2.27 9.65
CA ALA A 145 16.05 1.53 8.55
C ALA A 145 16.28 2.41 7.33
N TYR A 146 15.27 3.19 6.91
CA TYR A 146 15.51 4.11 5.79
C TYR A 146 16.52 5.18 6.17
N GLU A 147 16.56 5.57 7.44
CA GLU A 147 17.54 6.53 7.92
CA GLU A 147 17.54 6.54 7.90
C GLU A 147 18.96 6.00 7.72
N ASP A 148 19.20 4.75 8.13
CA ASP A 148 20.50 4.14 7.90
C ASP A 148 20.85 4.12 6.42
N LYS A 149 19.88 3.83 5.56
CA LYS A 149 20.15 3.75 4.13
C LYS A 149 20.60 5.10 3.59
N VAL A 150 19.90 6.16 3.98
CA VAL A 150 20.25 7.50 3.50
C VAL A 150 21.63 7.90 4.00
N ALA A 151 21.99 7.48 5.21
CA ALA A 151 23.30 7.77 5.78
C ALA A 151 24.40 6.86 5.23
N ARG A 152 24.09 6.05 4.21
CA ARG A 152 25.05 5.18 3.53
C ARG A 152 25.71 4.19 4.50
N ARG A 153 24.98 3.78 5.54
CA ARG A 153 25.52 2.88 6.55
C ARG A 153 24.64 1.64 6.78
N ALA A 154 23.60 1.44 5.99
CA ALA A 154 22.62 0.39 6.27
C ALA A 154 23.18 -0.99 5.97
N LEU A 155 22.91 -1.95 6.86
CA LEU A 155 23.10 -3.34 6.51
C LEU A 155 22.03 -3.76 5.50
N ARG A 156 22.43 -4.57 4.53
CA ARG A 156 21.53 -5.01 3.46
C ARG A 156 21.55 -6.52 3.37
N VAL A 157 20.56 -7.06 2.66
CA VAL A 157 20.50 -8.50 2.45
C VAL A 157 21.84 -9.01 1.94
N GLY A 158 22.46 -8.29 0.99
CA GLY A 158 23.71 -8.75 0.41
C GLY A 158 24.82 -8.94 1.43
N ASP A 159 24.77 -8.17 2.54
CA ASP A 159 25.79 -8.30 3.58
C ASP A 159 25.69 -9.60 4.34
N LEU A 160 24.53 -10.26 4.34
CA LEU A 160 24.45 -11.57 5.00
C LEU A 160 25.41 -12.58 4.39
N PHE A 161 25.83 -12.38 3.15
CA PHE A 161 26.64 -13.35 2.45
C PHE A 161 28.12 -13.02 2.54
N HIS A 162 28.46 -12.05 3.39
CA HIS A 162 29.84 -11.72 3.76
C HIS A 162 29.84 -11.58 5.28
N ARG A 163 29.90 -12.73 5.96
CA ARG A 163 29.66 -12.77 7.40
C ARG A 163 30.70 -11.96 8.17
N ASP A 164 31.92 -11.89 7.67
CA ASP A 164 32.92 -10.99 8.27
C ASP A 164 32.42 -9.55 8.23
N ARG A 165 32.01 -9.08 7.05
CA ARG A 165 31.52 -7.70 6.92
C ARG A 165 30.27 -7.48 7.74
N PHE A 166 29.34 -8.44 7.72
CA PHE A 166 28.10 -8.28 8.46
C PHE A 166 28.36 -8.03 9.93
N ALA A 167 29.29 -8.78 10.54
CA ALA A 167 29.57 -8.62 11.96
C ALA A 167 30.31 -7.32 12.25
N ASN A 168 31.25 -6.95 11.38
CA ASN A 168 32.04 -5.75 11.64
C ASN A 168 31.20 -4.49 11.43
N LYS A 169 30.28 -4.50 10.45
CA LYS A 169 29.36 -3.38 10.29
C LYS A 169 28.33 -3.36 11.43
N LEU A 170 27.79 -4.52 11.79
CA LEU A 170 26.80 -4.58 12.87
C LEU A 170 27.37 -4.07 14.18
N THR A 171 28.55 -4.57 14.55
CA THR A 171 29.20 -4.08 15.78
C THR A 171 29.39 -2.56 15.71
N GLU A 172 29.93 -2.07 14.59
CA GLU A 172 30.24 -0.66 14.44
C GLU A 172 28.97 0.20 14.34
N LEU A 173 27.90 -0.34 13.76
CA LEU A 173 26.61 0.35 13.79
C LEU A 173 26.06 0.43 15.20
N LEU A 174 26.19 -0.67 15.96
CA LEU A 174 25.65 -0.69 17.32
C LEU A 174 26.39 0.27 18.25
N ASP A 175 27.68 0.48 18.02
CA ASP A 175 28.42 1.42 18.86
C ASP A 175 27.72 2.77 18.85
N TYR A 176 27.21 3.19 17.69
CA TYR A 176 26.49 4.45 17.60
C TYR A 176 25.08 4.33 18.13
N HIS A 177 24.31 3.35 17.63
CA HIS A 177 22.89 3.31 17.96
C HIS A 177 22.66 3.03 19.45
N ASN A 178 23.41 2.10 20.03
CA ASN A 178 23.28 1.85 21.47
C ASN A 178 23.71 3.07 22.28
N PHE A 179 24.73 3.81 21.81
CA PHE A 179 25.10 5.06 22.47
C PHE A 179 23.94 6.03 22.47
N VAL A 180 23.30 6.22 21.31
CA VAL A 180 22.13 7.08 21.23
C VAL A 180 21.00 6.54 22.09
N LEU A 181 20.84 5.21 22.11
CA LEU A 181 19.71 4.62 22.81
C LEU A 181 19.84 4.78 24.33
N THR A 182 21.06 4.64 24.85
CA THR A 182 21.26 4.68 26.30
C THR A 182 21.73 6.04 26.79
N GLN A 183 22.78 6.59 26.19
CA GLN A 183 23.29 7.89 26.61
C GLN A 183 22.35 9.04 26.24
N TYR A 184 21.46 8.88 25.26
CA TYR A 184 20.56 9.96 24.88
C TYR A 184 19.11 9.72 25.30
N PHE A 185 18.56 8.54 25.04
CA PHE A 185 17.16 8.27 25.36
C PHE A 185 16.96 7.43 26.63
N LYS A 186 18.04 7.08 27.33
CA LYS A 186 17.94 6.38 28.62
C LYS A 186 17.12 5.10 28.51
N GLN A 187 17.19 4.45 27.35
CA GLN A 187 16.49 3.20 27.06
C GLN A 187 17.50 2.05 26.97
N PRO A 188 17.05 0.81 27.13
CA PRO A 188 17.98 -0.33 27.12
C PRO A 188 18.71 -0.46 25.80
N ALA A 189 19.88 -1.09 25.85
CA ALA A 189 20.66 -1.31 24.64
C ALA A 189 20.19 -2.58 23.93
N VAL A 190 20.68 -2.73 22.70
CA VAL A 190 20.51 -3.94 21.91
C VAL A 190 21.82 -4.71 21.96
N ASP A 191 21.78 -5.95 22.43
CA ASP A 191 23.00 -6.71 22.61
C ASP A 191 23.53 -7.23 21.28
N LEU A 192 24.83 -7.01 21.04
CA LEU A 192 25.45 -7.36 19.77
C LEU A 192 25.53 -8.87 19.60
N GLU A 193 26.04 -9.58 20.62
CA GLU A 193 26.23 -11.02 20.51
C GLU A 193 24.91 -11.72 20.20
N SER A 194 23.82 -11.32 20.85
CA SER A 194 22.55 -11.99 20.62
C SER A 194 22.02 -11.75 19.22
N LEU A 195 22.32 -10.58 18.65
CA LEU A 195 21.93 -10.31 17.26
C LEU A 195 22.69 -11.20 16.30
N LEU A 196 24.01 -11.37 16.53
CA LEU A 196 24.79 -12.28 15.71
C LEU A 196 24.24 -13.71 15.80
N GLY A 197 23.92 -14.18 17.02
CA GLY A 197 23.30 -15.49 17.16
C GLY A 197 22.00 -15.60 16.39
N GLU A 198 21.15 -14.57 16.47
CA GLU A 198 19.88 -14.60 15.76
C GLU A 198 20.07 -14.61 14.25
N SER A 199 21.15 -14.01 13.74
CA SER A 199 21.34 -13.90 12.29
C SER A 199 22.09 -15.08 11.69
N LEU A 200 22.44 -16.06 12.52
CA LEU A 200 23.35 -17.13 12.10
C LEU A 200 22.81 -17.90 10.92
N GLN A 201 21.49 -18.09 10.86
CA GLN A 201 20.90 -18.89 9.80
C GLN A 201 20.45 -18.08 8.61
N TRP A 202 20.42 -16.75 8.71
CA TRP A 202 19.69 -15.99 7.70
C TRP A 202 20.27 -16.18 6.30
N ALA A 203 21.59 -16.25 6.17
CA ALA A 203 22.17 -16.33 4.82
C ALA A 203 21.76 -17.62 4.13
N GLU A 204 21.93 -18.75 4.80
CA GLU A 204 21.61 -20.03 4.17
C GLU A 204 20.11 -20.15 3.88
N GLU A 205 19.26 -19.56 4.73
CA GLU A 205 17.82 -19.61 4.47
C GLU A 205 17.41 -18.73 3.29
N LEU A 206 18.00 -17.55 3.13
CA LEU A 206 17.60 -16.67 2.04
C LEU A 206 18.35 -16.92 0.73
N ARG A 207 19.50 -17.58 0.79
CA ARG A 207 20.41 -17.69 -0.36
C ARG A 207 19.74 -18.07 -1.68
N PRO A 208 18.89 -19.10 -1.75
CA PRO A 208 18.34 -19.46 -3.07
C PRO A 208 17.40 -18.41 -3.65
N MET A 209 17.01 -17.40 -2.87
CA MET A 209 16.03 -16.41 -3.32
C MET A 209 16.61 -15.04 -3.65
N VAL A 210 17.86 -14.78 -3.30
CA VAL A 210 18.40 -13.43 -3.45
C VAL A 210 18.91 -13.23 -4.88
N CYS A 211 18.80 -12.00 -5.39
CA CYS A 211 19.16 -11.75 -6.78
C CYS A 211 19.23 -10.23 -7.04
N ASP A 212 19.56 -9.89 -8.29
CA ASP A 212 19.48 -8.53 -8.84
C ASP A 212 18.06 -8.39 -9.38
N VAL A 213 17.15 -7.90 -8.54
CA VAL A 213 15.74 -7.87 -8.89
C VAL A 213 15.48 -6.95 -10.09
N SER A 214 16.09 -5.76 -10.13
CA SER A 214 15.86 -4.89 -11.29
C SER A 214 16.22 -5.60 -12.60
N ALA A 215 17.35 -6.32 -12.64
CA ALA A 215 17.73 -7.04 -13.86
C ALA A 215 16.67 -8.05 -14.27
N CYS A 216 16.17 -8.83 -13.30
CA CYS A 216 15.11 -9.81 -13.58
C CYS A 216 13.85 -9.13 -14.15
N LEU A 217 13.44 -8.01 -13.56
CA LEU A 217 12.26 -7.30 -14.05
C LEU A 217 12.44 -6.85 -15.48
N HIS A 218 13.61 -6.32 -15.81
CA HIS A 218 13.83 -5.91 -17.19
C HIS A 218 13.93 -7.10 -18.12
N GLU A 219 14.36 -8.26 -17.65
CA GLU A 219 14.31 -9.44 -18.51
C GLU A 219 12.87 -9.90 -18.73
N HIS A 220 12.03 -9.85 -17.68
CA HIS A 220 10.60 -10.11 -17.85
C HIS A 220 9.99 -9.15 -18.85
N ARG A 221 10.30 -7.85 -18.71
CA ARG A 221 9.76 -6.87 -19.65
C ARG A 221 10.20 -7.19 -21.08
N LYS A 222 11.46 -7.59 -21.24
CA LYS A 222 11.94 -7.95 -22.59
C LYS A 222 11.19 -9.16 -23.14
N GLN A 223 10.89 -10.15 -22.28
CA GLN A 223 10.14 -11.34 -22.72
C GLN A 223 8.68 -11.05 -22.98
N GLY A 224 8.20 -9.84 -22.72
CA GLY A 224 6.81 -9.48 -22.95
C GLY A 224 5.83 -9.95 -21.90
N GLU A 225 6.27 -10.12 -20.67
CA GLU A 225 5.42 -10.62 -19.60
C GLU A 225 4.78 -9.47 -18.84
N ASN A 226 3.55 -9.70 -18.36
CA ASN A 226 2.85 -8.66 -17.62
C ASN A 226 3.42 -8.56 -16.21
N ILE A 227 3.71 -7.34 -15.78
CA ILE A 227 4.29 -7.09 -14.46
C ILE A 227 3.33 -6.19 -13.67
N LEU A 228 2.98 -6.63 -12.46
CA LEU A 228 2.17 -5.84 -11.54
C LEU A 228 3.05 -5.32 -10.41
N PHE A 229 3.06 -3.99 -10.22
CA PHE A 229 3.75 -3.35 -9.12
C PHE A 229 2.72 -3.05 -8.04
N GLU A 230 2.90 -3.64 -6.87
CA GLU A 230 1.91 -3.61 -5.82
C GLU A 230 2.29 -2.52 -4.83
N GLY A 231 1.59 -1.41 -4.89
CA GLY A 231 1.88 -0.31 -3.98
C GLY A 231 1.37 -0.56 -2.58
N ALA A 232 2.11 -0.06 -1.59
CA ALA A 232 1.77 -0.31 -0.18
C ALA A 232 1.23 0.95 0.53
N GLY A 255 9.67 6.61 -1.60
CA GLY A 255 10.19 5.74 -2.65
C GLY A 255 9.12 5.34 -3.65
N SER A 256 9.43 5.49 -4.94
CA SER A 256 8.51 5.20 -6.01
C SER A 256 8.88 3.86 -6.65
N VAL A 257 8.14 3.50 -7.70
CA VAL A 257 8.52 2.36 -8.54
C VAL A 257 9.89 2.60 -9.17
N ILE A 258 10.17 3.85 -9.56
CA ILE A 258 11.40 4.14 -10.31
C ILE A 258 12.62 3.71 -9.50
N ASN A 259 12.81 4.34 -8.35
CA ASN A 259 13.94 4.02 -7.48
CA ASN A 259 13.98 3.97 -7.56
C ASN A 259 13.73 2.70 -6.75
N GLY A 260 12.49 2.43 -6.34
CA GLY A 260 12.25 1.26 -5.50
C GLY A 260 12.38 -0.05 -6.24
N ALA A 261 12.20 -0.04 -7.56
CA ALA A 261 12.35 -1.27 -8.33
C ALA A 261 13.36 -1.15 -9.46
N GLY A 262 13.98 0.01 -9.65
CA GLY A 262 14.98 0.19 -10.69
C GLY A 262 14.34 0.07 -12.07
N PHE A 263 13.25 0.82 -12.29
CA PHE A 263 12.34 0.57 -13.41
C PHE A 263 11.82 1.91 -13.88
N GLY A 264 12.29 2.36 -15.06
CA GLY A 264 12.05 3.70 -15.52
C GLY A 264 10.59 4.04 -15.72
N PRO A 265 10.26 5.33 -15.59
CA PRO A 265 8.84 5.74 -15.59
C PRO A 265 8.12 5.51 -16.91
N ARG A 266 8.79 5.63 -18.04
CA ARG A 266 8.12 5.47 -19.31
CA ARG A 266 8.08 5.48 -19.30
C ARG A 266 7.71 4.04 -19.58
N TYR A 267 8.18 3.10 -18.77
CA TYR A 267 7.75 1.70 -18.93
C TYR A 267 6.45 1.42 -18.22
N ILE A 268 5.96 2.34 -17.40
CA ILE A 268 4.69 2.14 -16.69
CA ILE A 268 4.70 2.13 -16.69
C ILE A 268 3.56 2.44 -17.65
N ASP A 269 2.71 1.44 -17.90
CA ASP A 269 1.63 1.58 -18.87
C ASP A 269 0.31 2.02 -18.28
N TYR A 270 0.04 1.70 -17.00
CA TYR A 270 -1.25 2.01 -16.41
C TYR A 270 -1.09 2.06 -14.90
N VAL A 271 -1.69 3.08 -14.28
CA VAL A 271 -1.71 3.24 -12.83
C VAL A 271 -3.17 3.12 -12.40
N LEU A 272 -3.47 2.07 -11.64
CA LEU A 272 -4.82 1.83 -11.15
C LEU A 272 -4.93 2.37 -9.72
N GLY A 273 -5.88 3.26 -9.49
CA GLY A 273 -6.05 3.82 -8.17
C GLY A 273 -7.25 3.23 -7.45
N ILE A 274 -7.00 2.43 -6.42
CA ILE A 274 -8.10 1.80 -5.68
C ILE A 274 -8.69 2.84 -4.74
N THR A 275 -10.00 3.03 -4.84
CA THR A 275 -10.67 4.20 -4.27
C THR A 275 -11.98 3.75 -3.65
N LYS A 276 -12.15 4.02 -2.35
CA LYS A 276 -13.38 3.70 -1.68
C LYS A 276 -14.43 4.73 -2.03
N ALA A 277 -15.69 4.30 -2.06
CA ALA A 277 -16.78 5.18 -2.47
C ALA A 277 -17.06 6.28 -1.45
N TYR A 278 -16.43 6.20 -0.28
CA TYR A 278 -16.46 7.24 0.75
C TYR A 278 -15.04 7.28 1.32
N THR A 279 -14.80 8.15 2.29
CA THR A 279 -13.46 8.33 2.85
C THR A 279 -13.39 7.81 4.29
N THR A 280 -12.26 7.22 4.66
CA THR A 280 -12.00 6.84 6.04
C THR A 280 -10.63 7.32 6.49
N ARG A 281 -10.51 7.56 7.79
CA ARG A 281 -9.22 7.84 8.40
C ARG A 281 -9.11 7.06 9.69
N VAL A 282 -7.88 6.67 10.01
CA VAL A 282 -7.59 6.02 11.29
C VAL A 282 -7.02 7.01 12.30
N GLY A 283 -5.98 7.74 11.92
CA GLY A 283 -5.31 8.62 12.86
C GLY A 283 -6.08 9.89 13.12
N GLY A 284 -5.50 10.72 13.99
CA GLY A 284 -6.03 12.03 14.27
C GLY A 284 -5.57 13.03 13.23
N GLY A 285 -6.09 14.25 13.35
CA GLY A 285 -5.77 15.29 12.41
C GLY A 285 -6.86 15.55 11.39
N PRO A 286 -6.53 16.33 10.36
CA PRO A 286 -7.56 16.99 9.56
C PRO A 286 -8.33 16.00 8.67
N PHE A 287 -9.65 16.10 8.71
CA PHE A 287 -10.52 15.23 7.91
C PHE A 287 -11.73 16.06 7.48
N PRO A 288 -11.60 16.83 6.39
CA PRO A 288 -12.64 17.82 6.07
C PRO A 288 -14.03 17.22 5.81
N THR A 289 -14.14 16.03 5.21
CA THR A 289 -15.47 15.46 4.96
C THR A 289 -15.93 14.52 6.07
N GLU A 290 -15.30 14.56 7.24
CA GLU A 290 -15.67 13.67 8.33
C GLU A 290 -17.13 13.84 8.72
N LEU A 291 -17.82 12.72 8.89
CA LEU A 291 -19.18 12.70 9.41
C LEU A 291 -19.16 12.32 10.90
N LEU A 292 -19.66 13.21 11.76
CA LEU A 292 -19.80 12.92 13.18
C LEU A 292 -21.25 12.65 13.56
N ASP A 293 -22.06 12.19 12.62
CA ASP A 293 -23.50 12.08 12.83
C ASP A 293 -23.92 10.62 12.61
N ASP A 294 -25.23 10.43 12.41
CA ASP A 294 -25.79 9.09 12.25
C ASP A 294 -25.51 8.51 10.87
N VAL A 295 -25.29 9.34 9.86
CA VAL A 295 -24.88 8.83 8.55
C VAL A 295 -23.47 8.28 8.63
N GLY A 296 -22.56 9.01 9.31
CA GLY A 296 -21.23 8.50 9.55
C GLY A 296 -21.24 7.17 10.30
N LYS A 297 -22.06 7.07 11.35
CA LYS A 297 -22.15 5.82 12.10
C LYS A 297 -22.68 4.67 11.25
N ARG A 298 -23.65 4.95 10.39
CA ARG A 298 -24.19 3.91 9.52
C ARG A 298 -23.16 3.45 8.48
N ILE A 299 -22.40 4.40 7.93
CA ILE A 299 -21.31 4.03 7.03
C ILE A 299 -20.31 3.12 7.73
N ALA A 300 -19.91 3.50 8.96
CA ALA A 300 -18.98 2.69 9.74
C ALA A 300 -19.50 1.27 9.92
N GLU A 301 -20.79 1.11 10.23
CA GLU A 301 -21.32 -0.22 10.47
C GLU A 301 -21.40 -1.03 9.18
N ARG A 302 -21.98 -0.45 8.12
CA ARG A 302 -22.12 -1.20 6.88
C ARG A 302 -20.77 -1.51 6.25
N GLY A 303 -19.82 -0.59 6.33
CA GLY A 303 -18.48 -0.81 5.82
C GLY A 303 -17.56 -1.61 6.71
N GLN A 304 -18.03 -2.01 7.89
CA GLN A 304 -17.21 -2.73 8.87
C GLN A 304 -15.89 -2.00 9.11
N GLU A 305 -15.99 -0.67 9.32
CA GLU A 305 -14.82 0.20 9.40
C GLU A 305 -14.32 0.21 10.84
N PHE A 306 -13.63 -0.86 11.21
CA PHE A 306 -13.11 -1.05 12.56
C PHE A 306 -11.68 -1.57 12.48
N GLY A 307 -10.80 -1.02 13.32
CA GLY A 307 -9.42 -1.49 13.39
C GLY A 307 -9.28 -3.00 13.57
N ALA A 308 -8.60 -3.65 12.64
CA ALA A 308 -8.47 -5.10 12.67
C ALA A 308 -7.83 -5.61 13.96
N VAL A 309 -6.95 -4.81 14.57
CA VAL A 309 -6.31 -5.18 15.83
C VAL A 309 -6.97 -4.51 17.03
N THR A 310 -7.18 -3.19 16.94
CA THR A 310 -7.69 -2.45 18.08
C THR A 310 -9.20 -2.57 18.24
N GLY A 311 -9.92 -2.82 17.15
CA GLY A 311 -11.36 -2.76 17.18
C GLY A 311 -11.93 -1.37 17.22
N ARG A 312 -11.10 -0.33 17.22
CA ARG A 312 -11.61 1.03 17.26
C ARG A 312 -12.24 1.39 15.92
N PRO A 313 -13.41 2.01 15.95
CA PRO A 313 -14.04 2.46 14.70
C PRO A 313 -13.14 3.47 14.00
N ARG A 314 -13.04 3.33 12.69
CA ARG A 314 -12.34 4.34 11.91
C ARG A 314 -13.22 5.59 11.75
N ARG A 315 -12.57 6.73 11.52
CA ARG A 315 -13.30 7.94 11.16
C ARG A 315 -13.83 7.80 9.75
N CYS A 316 -15.12 8.12 9.55
CA CYS A 316 -15.78 7.99 8.25
C CYS A 316 -16.30 9.34 7.76
N GLY A 317 -16.41 9.45 6.43
CA GLY A 317 -16.80 10.71 5.82
C GLY A 317 -17.15 10.54 4.36
N TRP A 318 -17.66 11.64 3.78
CA TRP A 318 -18.06 11.65 2.40
C TRP A 318 -16.86 11.47 1.48
N PHE A 319 -17.14 11.01 0.25
CA PHE A 319 -16.14 11.01 -0.80
C PHE A 319 -15.54 12.39 -0.96
N ASP A 320 -14.22 12.48 -1.12
CA ASP A 320 -13.52 13.77 -1.16
C ASP A 320 -12.73 13.82 -2.46
N ALA A 321 -13.24 14.55 -3.46
CA ALA A 321 -12.59 14.66 -4.75
C ALA A 321 -11.41 15.62 -4.74
N VAL A 322 -11.27 16.46 -3.71
CA VAL A 322 -10.09 17.31 -3.59
C VAL A 322 -8.89 16.45 -3.24
N LEU A 323 -9.02 15.59 -2.23
CA LEU A 323 -8.00 14.59 -1.95
C LEU A 323 -7.66 13.75 -3.19
N LEU A 324 -8.67 13.29 -3.93
CA LEU A 324 -8.42 12.43 -5.10
C LEU A 324 -7.70 13.18 -6.22
N LYS A 325 -7.99 14.46 -6.41
CA LYS A 325 -7.32 15.23 -7.46
C LYS A 325 -5.82 15.22 -7.25
N ARG A 326 -5.38 15.45 -6.01
CA ARG A 326 -3.95 15.41 -5.71
C ARG A 326 -3.38 14.01 -5.90
N SER A 327 -4.08 12.98 -5.43
CA SER A 327 -3.56 11.61 -5.64
C SER A 327 -3.37 11.30 -7.12
N ILE A 328 -4.34 11.71 -7.94
CA ILE A 328 -4.26 11.47 -9.38
C ILE A 328 -3.04 12.15 -9.96
N GLU A 329 -2.82 13.43 -9.58
CA GLU A 329 -1.70 14.18 -10.15
C GLU A 329 -0.36 13.59 -9.72
N LEU A 330 -0.23 13.30 -8.43
CA LEU A 330 1.04 12.81 -7.91
C LEU A 330 1.43 11.46 -8.51
N ASN A 331 0.44 10.62 -8.80
CA ASN A 331 0.69 9.26 -9.26
C ASN A 331 0.34 9.03 -10.73
N SER A 332 -0.01 10.09 -11.47
CA SER A 332 -0.55 10.02 -12.83
C SER A 332 -1.51 8.83 -12.99
N ILE A 333 -2.54 8.85 -12.15
CA ILE A 333 -3.47 7.70 -12.12
C ILE A 333 -4.26 7.64 -13.41
N SER A 334 -4.30 6.44 -14.01
CA SER A 334 -4.95 6.21 -15.30
C SER A 334 -6.46 6.03 -15.15
N GLY A 335 -6.88 5.31 -14.13
CA GLY A 335 -8.28 5.01 -13.91
C GLY A 335 -8.45 4.52 -12.48
N LEU A 336 -9.69 4.47 -12.04
CA LEU A 336 -10.01 4.12 -10.67
C LEU A 336 -10.68 2.74 -10.61
N CYS A 337 -10.47 2.07 -9.49
CA CYS A 337 -11.29 0.93 -9.09
C CYS A 337 -12.03 1.42 -7.84
N VAL A 338 -13.35 1.60 -7.96
CA VAL A 338 -14.16 2.04 -6.83
C VAL A 338 -14.63 0.82 -6.04
N THR A 339 -14.46 0.86 -4.71
CA THR A 339 -14.82 -0.24 -3.83
C THR A 339 -15.91 0.21 -2.84
N LYS A 340 -16.61 -0.79 -2.29
CA LYS A 340 -17.58 -0.61 -1.20
C LYS A 340 -18.70 0.37 -1.55
N LEU A 341 -19.09 0.43 -2.82
CA LEU A 341 -20.23 1.27 -3.19
C LEU A 341 -21.51 0.87 -2.44
N ASP A 342 -21.71 -0.42 -2.16
CA ASP A 342 -22.93 -0.89 -1.52
C ASP A 342 -23.09 -0.40 -0.09
N VAL A 343 -22.01 0.06 0.54
CA VAL A 343 -22.09 0.67 1.86
C VAL A 343 -23.05 1.85 1.86
N LEU A 344 -23.09 2.59 0.76
CA LEU A 344 -23.96 3.75 0.61
C LEU A 344 -25.37 3.40 0.16
N ASP A 345 -25.67 2.13 -0.11
CA ASP A 345 -27.04 1.74 -0.46
C ASP A 345 -28.02 2.28 0.58
N GLY A 346 -29.11 2.88 0.12
CA GLY A 346 -30.17 3.28 1.01
C GLY A 346 -30.04 4.65 1.63
N LEU A 347 -28.93 5.35 1.41
CA LEU A 347 -28.85 6.73 1.89
C LEU A 347 -29.74 7.63 1.03
N GLU A 348 -30.35 8.61 1.68
CA GLU A 348 -31.28 9.50 0.98
C GLU A 348 -30.53 10.45 0.06
N VAL A 349 -29.45 11.06 0.55
CA VAL A 349 -28.62 11.93 -0.26
C VAL A 349 -27.17 11.56 -0.02
N LEU A 350 -26.34 11.80 -1.03
CA LEU A 350 -24.90 11.67 -0.97
C LEU A 350 -24.26 13.03 -1.18
N ARG A 351 -23.06 13.21 -0.62
CA ARG A 351 -22.30 14.43 -0.84
C ARG A 351 -20.91 14.08 -1.36
N ILE A 352 -20.37 14.96 -2.19
CA ILE A 352 -18.99 14.87 -2.67
C ILE A 352 -18.33 16.22 -2.47
N ALA A 353 -17.19 16.25 -1.78
CA ALA A 353 -16.45 17.49 -1.62
C ALA A 353 -15.72 17.79 -2.92
N VAL A 354 -16.04 18.93 -3.53
CA VAL A 354 -15.42 19.31 -4.80
C VAL A 354 -14.44 20.46 -4.65
N ALA A 355 -14.38 21.10 -3.49
CA ALA A 355 -13.41 22.15 -3.22
C ALA A 355 -13.26 22.28 -1.71
N TYR A 356 -12.23 23.01 -1.29
CA TYR A 356 -12.09 23.45 0.10
C TYR A 356 -12.15 24.96 0.16
N LYS A 357 -12.64 25.48 1.29
CA LYS A 357 -12.65 26.91 1.56
C LYS A 357 -11.88 27.13 2.85
N ASP A 358 -10.78 27.89 2.77
CA ASP A 358 -9.90 28.05 3.92
C ASP A 358 -10.51 29.06 4.89
N ARG A 359 -9.73 29.43 5.92
CA ARG A 359 -10.24 30.34 6.95
C ARG A 359 -10.52 31.73 6.39
N ASP A 360 -9.76 32.15 5.38
CA ASP A 360 -9.97 33.43 4.71
C ASP A 360 -11.11 33.42 3.70
N GLY A 361 -11.72 32.25 3.47
CA GLY A 361 -12.75 32.14 2.45
C GLY A 361 -12.23 31.86 1.05
N ASN A 362 -10.94 31.60 0.89
CA ASN A 362 -10.41 31.25 -0.41
C ASN A 362 -10.79 29.83 -0.78
N ILE A 363 -11.01 29.62 -2.07
CA ILE A 363 -11.45 28.34 -2.61
C ILE A 363 -10.21 27.57 -3.06
N LEU A 364 -10.03 26.37 -2.52
CA LEU A 364 -8.88 25.53 -2.80
C LEU A 364 -9.31 24.32 -3.62
N SER A 365 -8.56 24.00 -4.67
CA SER A 365 -8.84 22.82 -5.49
C SER A 365 -8.00 21.62 -5.08
N ARG A 366 -6.97 21.84 -4.29
CA ARG A 366 -6.09 20.81 -3.78
C ARG A 366 -5.95 20.99 -2.28
N PRO A 367 -5.70 19.90 -1.55
CA PRO A 367 -5.47 20.02 -0.11
C PRO A 367 -4.21 20.83 0.15
N PRO A 368 -4.19 21.67 1.18
CA PRO A 368 -3.00 22.46 1.44
C PRO A 368 -1.84 21.56 1.86
N LEU A 369 -0.63 22.07 1.64
CA LEU A 369 0.57 21.30 1.95
C LEU A 369 0.71 21.09 3.45
N ALA A 370 0.66 22.17 4.22
CA ALA A 370 0.94 22.12 5.65
C ALA A 370 -0.32 21.77 6.44
N ALA A 371 -0.15 20.89 7.44
CA ALA A 371 -1.29 20.41 8.22
C ALA A 371 -1.98 21.55 8.97
N ASP A 372 -1.21 22.53 9.46
CA ASP A 372 -1.80 23.65 10.19
C ASP A 372 -2.73 24.48 9.31
N ASP A 373 -2.63 24.35 7.99
CA ASP A 373 -3.46 25.12 7.08
C ASP A 373 -4.88 24.56 6.93
N PHE A 374 -5.15 23.38 7.49
CA PHE A 374 -6.51 22.86 7.55
C PHE A 374 -7.33 23.49 8.68
N ASN A 375 -6.69 24.20 9.61
CA ASN A 375 -7.42 24.85 10.69
C ASN A 375 -8.44 25.82 10.12
N ASP A 376 -9.70 25.64 10.50
CA ASP A 376 -10.82 26.46 10.02
C ASP A 376 -10.99 26.33 8.51
N LEU A 377 -10.92 25.10 8.03
CA LEU A 377 -11.13 24.79 6.63
C LEU A 377 -12.35 23.90 6.50
N LEU A 378 -13.16 24.15 5.46
CA LEU A 378 -14.42 23.46 5.30
C LEU A 378 -14.57 22.95 3.88
N PRO A 379 -15.21 21.79 3.70
CA PRO A 379 -15.43 21.29 2.33
C PRO A 379 -16.56 22.04 1.64
N VAL A 380 -16.47 22.12 0.32
CA VAL A 380 -17.55 22.60 -0.54
C VAL A 380 -18.17 21.39 -1.21
N TYR A 381 -19.46 21.16 -0.96
CA TYR A 381 -20.11 19.90 -1.34
C TYR A 381 -21.01 20.05 -2.56
N GLU A 382 -20.99 19.03 -3.42
CA GLU A 382 -22.11 18.80 -4.32
C GLU A 382 -23.00 17.70 -3.73
N GLU A 383 -24.30 17.80 -3.99
CA GLU A 383 -25.28 16.86 -3.48
C GLU A 383 -25.85 16.03 -4.61
N LEU A 384 -25.89 14.70 -4.41
CA LEU A 384 -26.51 13.82 -5.39
C LEU A 384 -27.55 12.95 -4.70
N PRO A 385 -28.62 12.57 -5.42
CA PRO A 385 -29.62 11.69 -4.80
C PRO A 385 -29.09 10.28 -4.62
N GLY A 386 -29.47 9.66 -3.51
CA GLY A 386 -29.13 8.28 -3.24
C GLY A 386 -30.05 7.30 -3.93
N TRP A 387 -29.84 6.03 -3.65
CA TRP A 387 -30.67 4.96 -4.19
C TRP A 387 -31.06 4.04 -3.05
N GLN A 388 -32.13 3.28 -3.26
CA GLN A 388 -32.62 2.35 -2.27
C GLN A 388 -32.30 0.90 -2.58
N GLU A 389 -32.17 0.55 -3.87
CA GLU A 389 -31.93 -0.83 -4.24
C GLU A 389 -30.51 -1.25 -3.86
N SER A 390 -30.35 -2.54 -3.60
CA SER A 390 -29.05 -3.05 -3.21
C SER A 390 -28.12 -3.12 -4.42
N THR A 391 -26.90 -2.64 -4.27
CA THR A 391 -25.88 -2.80 -5.31
C THR A 391 -24.90 -3.91 -4.98
N ALA A 392 -25.14 -4.65 -3.90
CA ALA A 392 -24.22 -5.69 -3.48
C ALA A 392 -24.15 -6.79 -4.53
N ASP A 393 -22.93 -7.16 -4.93
CA ASP A 393 -22.66 -8.31 -5.79
C ASP A 393 -23.19 -8.12 -7.22
N VAL A 394 -23.57 -6.90 -7.60
CA VAL A 394 -23.95 -6.65 -8.99
C VAL A 394 -22.74 -6.92 -9.90
N THR A 395 -23.01 -7.51 -11.07
CA THR A 395 -21.96 -7.95 -11.97
C THR A 395 -21.98 -7.26 -13.33
N VAL A 396 -23.00 -6.48 -13.65
CA VAL A 396 -23.02 -5.73 -14.90
C VAL A 396 -23.55 -4.34 -14.58
N MET A 397 -22.89 -3.32 -15.15
CA MET A 397 -23.18 -1.93 -14.80
C MET A 397 -24.66 -1.61 -14.97
N SER A 398 -25.29 -2.17 -16.01
CA SER A 398 -26.69 -1.90 -16.29
C SER A 398 -27.62 -2.42 -15.20
N ASP A 399 -27.16 -3.35 -14.37
CA ASP A 399 -27.96 -3.79 -13.23
C ASP A 399 -27.93 -2.81 -12.07
N LEU A 400 -26.99 -1.87 -12.03
CA LEU A 400 -26.99 -0.89 -10.95
C LEU A 400 -28.20 0.03 -11.08
N PRO A 401 -28.70 0.58 -9.97
CA PRO A 401 -29.74 1.61 -10.07
C PRO A 401 -29.23 2.83 -10.83
N ALA A 402 -30.16 3.59 -11.40
CA ALA A 402 -29.78 4.76 -12.19
C ALA A 402 -29.01 5.77 -11.34
N ASN A 403 -29.42 5.97 -10.09
CA ASN A 403 -28.75 6.95 -9.24
C ASN A 403 -27.35 6.46 -8.83
N ALA A 404 -27.14 5.15 -8.72
CA ALA A 404 -25.78 4.68 -8.46
C ALA A 404 -24.89 4.95 -9.66
N ARG A 405 -25.40 4.70 -10.88
CA ARG A 405 -24.61 4.98 -12.07
C ARG A 405 -24.33 6.47 -12.23
N ALA A 406 -25.28 7.32 -11.82
CA ALA A 406 -25.07 8.76 -11.90
C ALA A 406 -24.04 9.23 -10.90
N TYR A 407 -24.05 8.66 -9.69
CA TYR A 407 -23.01 8.96 -8.72
C TYR A 407 -21.63 8.63 -9.29
N LEU A 408 -21.47 7.43 -9.84
CA LEU A 408 -20.20 7.04 -10.44
C LEU A 408 -19.83 7.95 -11.62
N LYS A 409 -20.82 8.33 -12.44
CA LYS A 409 -20.53 9.21 -13.56
C LYS A 409 -20.06 10.58 -13.09
N ARG A 410 -20.67 11.12 -12.02
CA ARG A 410 -20.26 12.42 -11.51
C ARG A 410 -18.83 12.39 -10.98
N ILE A 411 -18.44 11.30 -10.28
CA ILE A 411 -17.06 11.21 -9.83
C ILE A 411 -16.12 11.26 -11.02
N GLU A 412 -16.47 10.55 -12.09
CA GLU A 412 -15.63 10.55 -13.29
C GLU A 412 -15.53 11.94 -13.89
N GLU A 413 -16.65 12.66 -13.98
CA GLU A 413 -16.65 14.00 -14.55
C GLU A 413 -15.76 14.93 -13.72
N ILE A 414 -15.90 14.86 -12.40
CA ILE A 414 -15.14 15.76 -11.52
C ILE A 414 -13.64 15.46 -11.61
N LEU A 415 -13.27 14.19 -11.58
CA LEU A 415 -11.86 13.83 -11.51
C LEU A 415 -11.18 13.77 -12.87
N GLY A 416 -11.94 13.62 -13.95
CA GLY A 416 -11.39 13.61 -15.29
C GLY A 416 -10.75 12.31 -15.73
N ILE A 417 -10.88 11.23 -14.96
CA ILE A 417 -10.39 9.93 -15.37
C ILE A 417 -11.52 8.90 -15.19
N PRO A 418 -11.45 7.79 -15.91
CA PRO A 418 -12.57 6.83 -15.86
C PRO A 418 -12.52 5.92 -14.63
N ILE A 419 -13.70 5.46 -14.24
CA ILE A 419 -13.83 4.35 -13.30
C ILE A 419 -13.80 3.08 -14.16
N ASP A 420 -12.68 2.38 -14.15
CA ASP A 420 -12.48 1.22 -15.02
C ASP A 420 -12.84 -0.09 -14.34
N MET A 421 -12.99 -0.08 -13.01
CA MET A 421 -13.34 -1.27 -12.27
C MET A 421 -14.26 -0.86 -11.13
N LEU A 422 -15.27 -1.68 -10.86
CA LEU A 422 -16.14 -1.47 -9.73
C LEU A 422 -16.17 -2.75 -8.91
N SER A 423 -15.90 -2.65 -7.61
CA SER A 423 -16.02 -3.79 -6.71
C SER A 423 -17.33 -3.67 -5.95
N THR A 424 -18.15 -4.71 -6.01
CA THR A 424 -19.47 -4.68 -5.39
C THR A 424 -19.60 -5.68 -4.26
N GLY A 425 -18.55 -6.46 -3.98
CA GLY A 425 -18.55 -7.39 -2.87
C GLY A 425 -17.20 -8.07 -2.73
N PRO A 426 -17.10 -9.04 -1.81
CA PRO A 426 -15.79 -9.61 -1.47
C PRO A 426 -15.26 -10.65 -2.46
N GLU A 427 -16.15 -11.39 -3.13
CA GLU A 427 -15.71 -12.43 -4.05
C GLU A 427 -14.96 -11.84 -5.24
N ARG A 428 -14.16 -12.70 -5.90
CA ARG A 428 -13.40 -12.27 -7.07
C ARG A 428 -14.33 -11.96 -8.24
N ASP A 429 -15.31 -12.82 -8.49
CA ASP A 429 -16.27 -12.58 -9.56
C ASP A 429 -17.29 -11.51 -9.19
N SER A 430 -17.16 -10.88 -8.01
CA SER A 430 -18.01 -9.77 -7.59
C SER A 430 -17.34 -8.43 -7.93
N THR A 431 -16.88 -8.36 -9.17
CA THR A 431 -16.17 -7.22 -9.72
C THR A 431 -16.68 -6.97 -11.13
N ILE A 432 -16.91 -5.71 -11.45
CA ILE A 432 -17.18 -5.28 -12.82
C ILE A 432 -15.91 -4.67 -13.36
N THR A 433 -15.39 -5.22 -14.46
CA THR A 433 -14.21 -4.66 -15.11
C THR A 433 -14.67 -3.98 -16.39
N LEU A 434 -14.67 -2.65 -16.40
CA LEU A 434 -14.99 -1.94 -17.62
C LEU A 434 -13.81 -1.89 -18.58
N ARG A 435 -12.60 -1.75 -18.06
CA ARG A 435 -11.39 -1.82 -18.87
C ARG A 435 -10.31 -2.47 -18.01
N GLY A 436 -9.70 -3.50 -18.53
CA GLY A 436 -8.66 -4.20 -17.81
C GLY A 436 -7.34 -3.44 -17.83
N PRO A 437 -6.72 -3.26 -16.67
CA PRO A 437 -5.41 -2.59 -16.62
C PRO A 437 -4.36 -3.21 -17.52
N PHE A 438 -4.39 -4.53 -17.73
CA PHE A 438 -3.39 -5.16 -18.57
C PHE A 438 -3.84 -5.27 -20.03
N LEU A 439 -5.07 -4.92 -20.35
CA LEU A 439 -5.53 -4.96 -21.73
C LEU A 439 -5.14 -3.69 -22.46
#